data_8X4J
#
_entry.id   8X4J
#
_cell.length_a   139.413
_cell.length_b   139.413
_cell.length_c   59.944
_cell.angle_alpha   90.00
_cell.angle_beta   90.00
_cell.angle_gamma   120.00
#
_symmetry.space_group_name_H-M   'P 32 2 1'
#
loop_
_entity.id
_entity.type
_entity.pdbx_description
1 polymer 'Subversion of eukaryotic traffic protein A'
2 non-polymer 'MAGNESIUM ION'
3 water water
#
_entity_poly.entity_id   1
_entity_poly.type   'polypeptide(L)'
_entity_poly.pdbx_seq_one_letter_code
;MKTENLPQAGQEAQIDKKIHFIWVGHIMPQKNIQVVSEWAEKNPGYETIIWVDKKIAPAKELDLFILDMKSKGITVKDIN
EEGVCRDSIRHELDQESPNYGMVSDMLRLNILAAEGGIYLDSDILCSAPFPDEIYAPFGFLLSPWSQGANNTLCNDIILC
SKGNQIIQQLADAIEQSYIARDSFEFTHEYASMKETKGERIAKTLGVTGPGFLFHQLKKMGILNDKSEMEAIHWELQDQR
YLIDGSVKEPDYFYVPQNNTNDASWVPSIKRPGIENMSFQERLENAVQLIAFDIQKTGLFNLDHYANELKVKQNSWCIAA
ETSPELKPDSYLLIRPRDKTGEWTLYYVDEDKKLNPVTLPVIKGAIKLSEVSDPLRKFHTLLSQVSDPVNPTAHELKQIG
RALIELKPRQDEWHCKNKWSGAEEIAQELWQRITSNETLRAQIKQCFTQFESLKPRVAELGLEHHHHHH
;
_entity_poly.pdbx_strand_id   A
#
# COMPACT_ATOMS: atom_id res chain seq x y z
N GLU A 12 -25.72 22.92 -10.03
CA GLU A 12 -26.49 22.29 -8.91
C GLU A 12 -25.68 22.37 -7.62
N ALA A 13 -24.60 21.57 -7.54
CA ALA A 13 -23.85 21.42 -6.31
C ALA A 13 -22.44 21.99 -6.48
N GLN A 14 -21.73 22.13 -5.37
CA GLN A 14 -20.34 22.67 -5.42
C GLN A 14 -19.37 21.63 -4.89
N ILE A 15 -18.22 21.50 -5.52
CA ILE A 15 -17.19 20.55 -5.03
C ILE A 15 -16.68 21.09 -3.69
N ASP A 16 -16.75 20.27 -2.66
CA ASP A 16 -16.31 20.70 -1.30
C ASP A 16 -14.86 21.16 -1.40
N LYS A 17 -14.50 22.21 -0.66
CA LYS A 17 -13.13 22.78 -0.76
C LYS A 17 -12.12 21.90 -0.01
N LYS A 18 -11.89 20.69 -0.51
CA LYS A 18 -10.88 19.79 0.12
C LYS A 18 -10.06 19.13 -0.98
N ILE A 19 -8.74 19.02 -0.79
CA ILE A 19 -7.87 18.29 -1.76
C ILE A 19 -7.39 17.03 -1.05
N HIS A 20 -7.69 15.85 -1.61
CA HIS A 20 -7.37 14.57 -0.91
C HIS A 20 -6.20 13.84 -1.57
N PHE A 21 -5.25 13.40 -0.73
CA PHE A 21 -4.11 12.61 -1.22
C PHE A 21 -4.05 11.37 -0.31
N ILE A 22 -3.72 10.21 -0.87
CA ILE A 22 -3.73 8.96 -0.07
C ILE A 22 -2.34 8.31 -0.09
N TRP A 23 -1.79 7.98 1.08
CA TRP A 23 -0.52 7.22 1.14
C TRP A 23 -0.59 6.26 2.33
N VAL A 24 -0.96 5.01 2.05
CA VAL A 24 -1.07 3.99 3.13
C VAL A 24 0.19 3.11 3.09
N GLY A 25 0.55 2.51 4.21
CA GLY A 25 1.75 1.67 4.29
C GLY A 25 2.90 2.40 4.97
N HIS A 26 3.97 2.65 4.23
CA HIS A 26 5.12 3.39 4.78
C HIS A 26 4.84 4.89 4.65
N ILE A 27 5.79 5.73 5.07
CA ILE A 27 5.60 7.20 5.03
C ILE A 27 5.69 7.68 3.58
N MET A 28 4.97 8.74 3.25
CA MET A 28 4.98 9.30 1.88
C MET A 28 6.40 9.76 1.57
N PRO A 29 6.93 9.46 0.37
CA PRO A 29 8.25 9.95 -0.03
C PRO A 29 8.30 11.49 0.01
N GLN A 30 9.47 12.05 0.29
CA GLN A 30 9.63 13.53 0.42
C GLN A 30 9.26 14.22 -0.90
N LYS A 31 9.60 13.60 -2.02
CA LYS A 31 9.22 14.17 -3.34
C LYS A 31 7.71 14.37 -3.37
N ASN A 32 6.95 13.37 -2.93
CA ASN A 32 5.48 13.45 -2.99
C ASN A 32 5.01 14.50 -1.98
N ILE A 33 5.71 14.61 -0.85
CA ILE A 33 5.36 15.60 0.19
C ILE A 33 5.48 17.00 -0.42
N GLN A 34 6.52 17.21 -1.22
CA GLN A 34 6.75 18.54 -1.83
C GLN A 34 5.61 18.87 -2.79
N VAL A 35 5.15 17.90 -3.57
CA VAL A 35 4.05 18.15 -4.54
C VAL A 35 2.82 18.57 -3.75
N VAL A 36 2.53 17.86 -2.66
CA VAL A 36 1.30 18.13 -1.86
C VAL A 36 1.45 19.51 -1.23
N SER A 37 2.65 19.87 -0.82
CA SER A 37 2.91 21.19 -0.20
C SER A 37 2.58 22.31 -1.20
N GLU A 38 2.97 22.12 -2.46
CA GLU A 38 2.71 23.13 -3.51
C GLU A 38 1.20 23.28 -3.68
N TRP A 39 0.48 22.16 -3.74
CA TRP A 39 -0.99 22.20 -3.88
C TRP A 39 -1.57 22.98 -2.69
N ALA A 40 -0.97 22.81 -1.52
CA ALA A 40 -1.49 23.48 -0.31
C ALA A 40 -1.22 24.99 -0.41
N GLU A 41 0.00 25.36 -0.77
CA GLU A 41 0.37 26.80 -0.86
C GLU A 41 -0.43 27.48 -1.96
N LYS A 42 -0.49 26.86 -3.14
CA LYS A 42 -1.15 27.52 -4.29
C LYS A 42 -2.67 27.52 -4.12
N ASN A 43 -3.19 26.73 -3.19
CA ASN A 43 -4.67 26.65 -3.01
C ASN A 43 -4.99 26.90 -1.54
N PRO A 44 -4.68 28.09 -1.00
CA PRO A 44 -4.87 28.37 0.43
C PRO A 44 -6.33 28.25 0.87
N GLY A 45 -7.27 28.45 -0.06
CA GLY A 45 -8.70 28.36 0.27
C GLY A 45 -9.14 26.92 0.45
N TYR A 46 -8.29 25.98 0.06
CA TYR A 46 -8.67 24.55 0.15
C TYR A 46 -7.84 23.88 1.26
N GLU A 47 -8.45 22.90 1.94
CA GLU A 47 -7.72 22.15 2.99
C GLU A 47 -7.08 20.92 2.34
N THR A 48 -5.76 20.87 2.34
CA THR A 48 -5.02 19.71 1.78
C THR A 48 -4.98 18.61 2.85
N ILE A 49 -5.38 17.40 2.49
CA ILE A 49 -5.44 16.29 3.48
C ILE A 49 -4.66 15.09 2.94
N ILE A 50 -3.78 14.52 3.76
CA ILE A 50 -3.08 13.27 3.35
C ILE A 50 -3.70 12.14 4.19
N TRP A 51 -4.30 11.15 3.53
CA TRP A 51 -4.98 10.05 4.25
C TRP A 51 -4.00 8.91 4.52
N VAL A 52 -4.08 8.31 5.71
CA VAL A 52 -3.11 7.25 6.10
C VAL A 52 -3.81 6.15 6.87
N ASP A 53 -3.13 5.03 7.11
CA ASP A 53 -3.67 3.91 7.93
C ASP A 53 -2.71 3.68 9.08
N LYS A 54 -3.16 3.90 10.31
CA LYS A 54 -2.31 3.74 11.51
C LYS A 54 -2.08 2.27 11.81
N LYS A 55 -2.98 1.40 11.35
CA LYS A 55 -2.90 -0.03 11.71
C LYS A 55 -1.72 -0.72 10.99
N ILE A 56 -1.21 -0.14 9.90
CA ILE A 56 -0.14 -0.82 9.12
C ILE A 56 1.08 0.10 9.02
N ALA A 57 1.05 1.23 9.72
CA ALA A 57 2.15 2.21 9.58
C ALA A 57 3.18 2.11 10.70
N PRO A 58 4.45 2.46 10.46
CA PRO A 58 5.45 2.53 11.53
C PRO A 58 5.05 3.72 12.42
N ALA A 59 4.79 3.48 13.70
CA ALA A 59 4.24 4.53 14.58
C ALA A 59 5.18 5.71 14.80
N LYS A 60 6.44 5.47 15.14
CA LYS A 60 7.37 6.60 15.46
C LYS A 60 7.49 7.50 14.24
N GLU A 61 7.72 6.90 13.08
CA GLU A 61 7.90 7.68 11.84
C GLU A 61 6.61 8.44 11.51
N LEU A 62 5.46 7.80 11.70
CA LEU A 62 4.16 8.43 11.36
C LEU A 62 3.93 9.65 12.24
N ASP A 63 4.25 9.54 13.53
CA ASP A 63 4.05 10.67 14.47
C ASP A 63 4.93 11.83 14.01
N LEU A 64 6.18 11.55 13.65
CA LEU A 64 7.09 12.61 13.16
C LEU A 64 6.50 13.24 11.91
N PHE A 65 5.90 12.44 11.03
CA PHE A 65 5.33 12.93 9.76
C PHE A 65 4.13 13.84 10.05
N ILE A 66 3.26 13.42 10.96
CA ILE A 66 2.03 14.20 11.24
C ILE A 66 2.45 15.59 11.75
N LEU A 67 3.48 15.62 12.58
CA LEU A 67 3.96 16.91 13.14
C LEU A 67 4.53 17.79 12.02
N ASP A 68 5.35 17.21 11.15
CA ASP A 68 5.97 17.98 10.06
C ASP A 68 4.86 18.48 9.13
N MET A 69 3.84 17.66 8.92
CA MET A 69 2.74 18.05 8.00
C MET A 69 1.95 19.18 8.64
N LYS A 70 1.84 19.15 9.97
CA LYS A 70 1.13 20.25 10.69
C LYS A 70 1.90 21.54 10.46
N SER A 71 3.22 21.47 10.44
CA SER A 71 4.06 22.67 10.22
C SER A 71 3.94 23.11 8.76
N LYS A 72 3.57 22.19 7.87
CA LYS A 72 3.52 22.53 6.42
C LYS A 72 2.11 22.95 6.04
N GLY A 73 1.18 22.93 7.00
CA GLY A 73 -0.21 23.32 6.73
C GLY A 73 -1.02 22.21 6.11
N ILE A 74 -0.62 20.95 6.33
CA ILE A 74 -1.31 19.80 5.70
C ILE A 74 -2.01 18.99 6.79
N THR A 75 -3.32 18.75 6.62
CA THR A 75 -4.07 17.93 7.59
C THR A 75 -3.83 16.45 7.29
N VAL A 76 -3.50 15.67 8.30
CA VAL A 76 -3.35 14.20 8.11
C VAL A 76 -4.53 13.52 8.79
N LYS A 77 -5.23 12.66 8.06
CA LYS A 77 -6.39 11.94 8.64
C LYS A 77 -6.16 10.43 8.54
N ASP A 78 -6.69 9.67 9.50
CA ASP A 78 -6.58 8.19 9.48
C ASP A 78 -7.89 7.63 8.93
N ILE A 79 -7.81 6.64 8.06
CA ILE A 79 -9.00 6.06 7.40
C ILE A 79 -9.85 5.34 8.45
N ASN A 80 -9.22 4.80 9.48
CA ASN A 80 -9.96 4.02 10.51
C ASN A 80 -10.75 4.98 11.40
N GLU A 81 -10.13 6.09 11.80
CA GLU A 81 -10.78 7.07 12.71
C GLU A 81 -11.91 7.82 11.99
N GLU A 82 -11.84 7.92 10.66
CA GLU A 82 -12.85 8.72 9.92
C GLU A 82 -13.94 7.80 9.35
N GLY A 83 -13.81 6.49 9.56
CA GLY A 83 -14.86 5.54 9.13
C GLY A 83 -14.94 5.35 7.62
N VAL A 84 -13.79 5.28 6.95
CA VAL A 84 -13.78 5.16 5.47
C VAL A 84 -13.19 3.80 5.08
N CYS A 85 -12.58 3.10 6.03
CA CYS A 85 -11.95 1.79 5.72
C CYS A 85 -12.96 0.67 5.90
N ARG A 86 -13.62 0.27 4.82
CA ARG A 86 -14.56 -0.87 4.88
C ARG A 86 -13.76 -2.13 5.18
N ASP A 87 -14.42 -3.18 5.68
CA ASP A 87 -13.73 -4.43 6.04
C ASP A 87 -13.03 -4.97 4.80
N SER A 88 -13.54 -4.63 3.63
CA SER A 88 -12.96 -5.09 2.35
C SER A 88 -11.57 -4.46 2.16
N ILE A 89 -11.45 -3.16 2.39
CA ILE A 89 -10.14 -2.46 2.27
C ILE A 89 -9.22 -2.95 3.38
N ARG A 90 -9.75 -3.21 4.56
CA ARG A 90 -8.94 -3.66 5.72
C ARG A 90 -8.36 -5.04 5.40
N HIS A 91 -9.09 -5.86 4.64
CA HIS A 91 -8.61 -7.20 4.24
C HIS A 91 -7.37 -7.10 3.36
N GLU A 92 -7.33 -6.11 2.47
CA GLU A 92 -6.19 -5.91 1.56
C GLU A 92 -5.03 -5.27 2.31
N LEU A 93 -5.32 -4.34 3.21
CA LEU A 93 -4.25 -3.60 3.95
C LEU A 93 -3.60 -4.52 4.97
N ASP A 94 -4.30 -5.57 5.41
CA ASP A 94 -3.76 -6.49 6.44
C ASP A 94 -3.00 -7.62 5.74
N GLN A 95 -3.06 -7.67 4.41
CA GLN A 95 -2.24 -8.65 3.66
C GLN A 95 -0.77 -8.29 3.85
N GLU A 96 0.13 -9.26 3.84
CA GLU A 96 1.56 -9.01 4.12
C GLU A 96 2.16 -8.15 3.01
N SER A 97 1.71 -8.36 1.78
CA SER A 97 2.17 -7.53 0.65
C SER A 97 0.91 -6.96 -0.03
N PRO A 98 0.35 -5.85 0.48
CA PRO A 98 -0.90 -5.31 -0.06
C PRO A 98 -0.87 -4.68 -1.46
N ASN A 99 -1.92 -4.85 -2.25
CA ASN A 99 -2.02 -4.15 -3.56
C ASN A 99 -2.49 -2.74 -3.23
N TYR A 100 -1.56 -1.81 -3.04
CA TYR A 100 -1.92 -0.44 -2.60
C TYR A 100 -2.75 0.28 -3.65
N GLY A 101 -2.62 -0.12 -4.91
CA GLY A 101 -3.41 0.51 -5.98
C GLY A 101 -4.89 0.21 -5.83
N MET A 102 -5.21 -1.04 -5.52
CA MET A 102 -6.62 -1.42 -5.30
C MET A 102 -7.12 -0.68 -4.07
N VAL A 103 -6.29 -0.60 -3.03
CA VAL A 103 -6.67 0.08 -1.76
C VAL A 103 -7.00 1.55 -2.04
N SER A 104 -6.11 2.27 -2.73
CA SER A 104 -6.31 3.70 -3.00
C SER A 104 -7.52 3.89 -3.93
N ASP A 105 -7.69 2.98 -4.89
CA ASP A 105 -8.81 3.08 -5.85
C ASP A 105 -10.12 2.95 -5.06
N MET A 106 -10.08 2.21 -3.96
CA MET A 106 -11.32 1.95 -3.18
C MET A 106 -11.50 3.04 -2.12
N LEU A 107 -10.41 3.46 -1.47
CA LEU A 107 -10.50 4.47 -0.39
C LEU A 107 -10.90 5.83 -0.96
N ARG A 108 -10.45 6.13 -2.17
CA ARG A 108 -10.72 7.47 -2.77
C ARG A 108 -12.23 7.68 -2.91
N LEU A 109 -12.96 6.64 -3.30
CA LEU A 109 -14.41 6.76 -3.50
C LEU A 109 -15.10 6.94 -2.15
N ASN A 110 -14.69 6.17 -1.15
CA ASN A 110 -15.31 6.26 0.20
C ASN A 110 -14.97 7.61 0.83
N ILE A 111 -13.73 8.06 0.68
CA ILE A 111 -13.28 9.35 1.26
C ILE A 111 -14.07 10.48 0.61
N LEU A 112 -14.14 10.48 -0.72
CA LEU A 112 -14.84 11.57 -1.45
C LEU A 112 -16.32 11.54 -1.06
N ALA A 113 -16.87 10.35 -0.88
CA ALA A 113 -18.31 10.22 -0.56
C ALA A 113 -18.61 10.73 0.85
N ALA A 114 -17.60 10.83 1.70
CA ALA A 114 -17.86 11.20 3.09
C ALA A 114 -17.44 12.65 3.34
N GLU A 115 -16.63 13.22 2.47
CA GLU A 115 -16.12 14.58 2.77
C GLU A 115 -16.24 15.46 1.53
N GLY A 116 -16.45 14.86 0.37
CA GLY A 116 -16.45 15.64 -0.87
C GLY A 116 -15.07 16.16 -1.18
N GLY A 117 -14.91 16.89 -2.28
CA GLY A 117 -13.60 17.49 -2.59
C GLY A 117 -12.96 16.90 -3.82
N ILE A 118 -11.63 17.01 -3.93
CA ILE A 118 -10.92 16.55 -5.15
C ILE A 118 -9.86 15.52 -4.78
N TYR A 119 -9.95 14.30 -5.31
CA TYR A 119 -8.87 13.31 -5.09
C TYR A 119 -7.78 13.52 -6.13
N LEU A 120 -6.53 13.44 -5.71
CA LEU A 120 -5.40 13.66 -6.62
C LEU A 120 -4.28 12.67 -6.31
N ASP A 121 -3.52 12.28 -7.32
CA ASP A 121 -2.33 11.42 -7.08
C ASP A 121 -1.18 12.37 -6.75
N SER A 122 -0.27 11.96 -5.87
CA SER A 122 0.83 12.84 -5.40
C SER A 122 1.85 13.10 -6.50
N ASP A 123 1.64 12.54 -7.69
CA ASP A 123 2.57 12.74 -8.83
C ASP A 123 2.01 13.80 -9.77
N ILE A 124 0.77 14.24 -9.54
CA ILE A 124 0.17 15.33 -10.36
C ILE A 124 0.58 16.66 -9.73
N LEU A 125 1.18 17.55 -10.52
CA LEU A 125 1.68 18.82 -9.95
C LEU A 125 0.71 19.95 -10.25
N CYS A 126 0.68 20.98 -9.39
CA CYS A 126 -0.23 22.12 -9.59
C CYS A 126 0.45 23.16 -10.48
N SER A 127 -0.07 23.33 -11.70
CA SER A 127 0.47 24.38 -12.59
C SER A 127 -0.37 25.64 -12.42
N ALA A 128 -1.68 25.47 -12.18
CA ALA A 128 -2.58 26.61 -11.99
C ALA A 128 -3.47 26.39 -10.77
N PRO A 129 -3.72 27.42 -9.95
CA PRO A 129 -4.61 27.29 -8.81
C PRO A 129 -6.07 27.04 -9.22
N PHE A 130 -6.80 26.24 -8.43
CA PHE A 130 -8.21 25.95 -8.73
C PHE A 130 -9.07 27.18 -8.48
N PRO A 131 -10.26 27.29 -9.11
CA PRO A 131 -11.16 28.39 -8.83
C PRO A 131 -11.65 28.30 -7.37
N ASP A 132 -11.90 29.45 -6.74
CA ASP A 132 -12.35 29.48 -5.33
C ASP A 132 -13.64 28.66 -5.22
N GLU A 133 -14.43 28.63 -6.28
CA GLU A 133 -15.64 27.75 -6.26
C GLU A 133 -15.67 26.91 -7.54
N ILE A 134 -15.89 25.61 -7.38
CA ILE A 134 -16.02 24.70 -8.54
C ILE A 134 -17.44 24.14 -8.51
N TYR A 135 -18.19 24.33 -9.60
CA TYR A 135 -19.60 23.90 -9.61
C TYR A 135 -19.74 22.65 -10.47
N ALA A 136 -20.46 21.66 -9.95
CA ALA A 136 -20.64 20.39 -10.67
C ALA A 136 -22.14 20.17 -10.88
N PRO A 137 -22.65 20.33 -12.11
CA PRO A 137 -24.06 20.16 -12.36
C PRO A 137 -24.56 18.83 -11.82
N PHE A 138 -23.66 17.84 -11.70
CA PHE A 138 -24.09 16.48 -11.27
C PHE A 138 -23.41 16.10 -9.94
N GLY A 139 -22.64 17.01 -9.33
CA GLY A 139 -22.00 16.73 -8.06
C GLY A 139 -20.81 15.78 -8.21
N PHE A 140 -20.25 15.74 -9.43
CA PHE A 140 -19.29 14.71 -9.83
C PHE A 140 -18.60 15.15 -11.11
N LEU A 141 -17.27 15.33 -11.05
CA LEU A 141 -16.50 15.73 -12.22
C LEU A 141 -15.32 14.79 -12.40
N LEU A 142 -14.95 14.56 -13.68
CA LEU A 142 -13.70 13.92 -14.03
C LEU A 142 -12.91 14.85 -14.95
N SER A 143 -11.62 14.55 -15.12
CA SER A 143 -10.75 15.23 -16.07
C SER A 143 -10.76 14.47 -17.41
N PRO A 144 -10.60 15.16 -18.58
CA PRO A 144 -10.48 14.47 -19.85
C PRO A 144 -9.06 13.98 -20.21
N TRP A 145 -8.09 14.15 -19.30
CA TRP A 145 -6.73 13.68 -19.52
C TRP A 145 -6.71 12.18 -19.79
N SER A 146 -5.73 11.73 -20.57
CA SER A 146 -5.68 10.39 -21.14
C SER A 146 -6.91 10.19 -22.04
N ASN A 151 -8.27 9.00 -25.36
CA ASN A 151 -7.45 7.83 -24.92
C ASN A 151 -8.21 7.14 -23.77
N THR A 152 -7.49 6.71 -22.72
CA THR A 152 -8.06 5.94 -21.62
C THR A 152 -8.69 6.89 -20.57
N LEU A 153 -9.33 6.28 -19.57
CA LEU A 153 -10.05 6.98 -18.51
C LEU A 153 -9.10 7.21 -17.34
N CYS A 154 -9.03 8.45 -16.86
CA CYS A 154 -8.20 8.80 -15.71
C CYS A 154 -9.02 8.68 -14.42
N ASN A 155 -8.57 7.85 -13.47
CA ASN A 155 -9.28 7.70 -12.21
C ASN A 155 -8.49 8.36 -11.07
N ASP A 156 -7.43 9.08 -11.41
CA ASP A 156 -6.50 9.65 -10.43
C ASP A 156 -6.71 11.16 -10.32
N ILE A 157 -7.81 11.66 -10.93
CA ILE A 157 -8.35 12.98 -10.65
C ILE A 157 -9.87 12.83 -10.53
N ILE A 158 -10.41 13.03 -9.33
CA ILE A 158 -11.86 12.92 -9.14
C ILE A 158 -12.34 14.03 -8.22
N LEU A 159 -13.41 14.71 -8.67
CA LEU A 159 -14.03 15.80 -7.93
C LEU A 159 -15.47 15.41 -7.62
N CYS A 160 -15.99 15.95 -6.52
CA CYS A 160 -17.19 15.40 -5.91
C CYS A 160 -17.72 16.34 -4.83
N SER A 161 -19.05 16.39 -4.71
CA SER A 161 -19.74 17.00 -3.59
C SER A 161 -20.09 15.92 -2.56
N LYS A 162 -19.95 16.27 -1.28
CA LYS A 162 -20.13 15.33 -0.19
C LYS A 162 -21.42 14.56 -0.42
N GLY A 163 -21.37 13.21 -0.37
CA GLY A 163 -22.56 12.38 -0.36
C GLY A 163 -23.14 12.12 -1.75
N ASN A 164 -22.48 12.66 -2.80
CA ASN A 164 -22.90 12.49 -4.17
C ASN A 164 -23.30 11.03 -4.42
N GLN A 165 -24.42 10.83 -5.12
CA GLN A 165 -25.01 9.51 -5.29
C GLN A 165 -24.12 8.65 -6.20
N ILE A 166 -23.53 9.28 -7.23
CA ILE A 166 -22.72 8.55 -8.21
C ILE A 166 -21.51 7.94 -7.49
N ILE A 167 -20.80 8.76 -6.71
CA ILE A 167 -19.68 8.33 -5.91
C ILE A 167 -20.10 7.20 -4.96
N GLN A 168 -21.27 7.33 -4.33
CA GLN A 168 -21.69 6.32 -3.38
C GLN A 168 -21.96 5.01 -4.10
N GLN A 169 -22.52 5.06 -5.31
CA GLN A 169 -22.80 3.86 -6.07
C GLN A 169 -21.49 3.19 -6.51
N LEU A 170 -20.53 4.01 -6.96
CA LEU A 170 -19.22 3.51 -7.34
C LEU A 170 -18.54 2.82 -6.16
N ALA A 171 -18.65 3.43 -4.96
CA ALA A 171 -18.02 2.89 -3.76
C ALA A 171 -18.57 1.51 -3.41
N ASP A 172 -19.87 1.31 -3.60
CA ASP A 172 -20.49 0.02 -3.28
C ASP A 172 -20.09 -0.99 -4.35
N ALA A 173 -20.06 -0.54 -5.61
CA ALA A 173 -19.78 -1.41 -6.73
C ALA A 173 -18.32 -1.88 -6.70
N ILE A 174 -17.39 -0.98 -6.36
CA ILE A 174 -15.99 -1.35 -6.27
C ILE A 174 -15.78 -2.41 -5.18
N GLU A 175 -16.49 -2.28 -4.05
CA GLU A 175 -16.41 -3.28 -2.99
C GLU A 175 -16.73 -4.66 -3.58
N GLN A 176 -17.83 -4.78 -4.34
CA GLN A 176 -18.27 -6.04 -4.90
C GLN A 176 -17.25 -6.60 -5.90
N SER A 177 -16.76 -5.73 -6.79
CA SER A 177 -15.71 -6.06 -7.74
C SER A 177 -14.52 -6.68 -7.01
N TYR A 178 -14.02 -5.98 -5.99
CA TYR A 178 -12.93 -6.48 -5.18
C TYR A 178 -13.24 -7.86 -4.57
N ILE A 179 -14.44 -8.02 -4.01
CA ILE A 179 -14.81 -9.28 -3.37
C ILE A 179 -14.63 -10.42 -4.38
N ALA A 180 -14.94 -10.15 -5.66
CA ALA A 180 -14.92 -11.17 -6.70
C ALA A 180 -13.62 -11.16 -7.51
N ARG A 181 -12.58 -10.46 -7.03
CA ARG A 181 -11.37 -10.23 -7.80
C ARG A 181 -10.70 -11.53 -8.27
N ASP A 182 -10.87 -12.64 -7.52
CA ASP A 182 -10.16 -13.87 -7.84
C ASP A 182 -10.75 -14.53 -9.09
N SER A 183 -11.96 -14.13 -9.51
CA SER A 183 -12.55 -14.66 -10.71
C SER A 183 -12.32 -13.73 -11.91
N PHE A 184 -11.39 -12.79 -11.79
CA PHE A 184 -11.14 -11.84 -12.86
C PHE A 184 -10.28 -12.48 -13.95
N GLU A 185 -10.74 -12.38 -15.21
CA GLU A 185 -10.05 -12.95 -16.35
C GLU A 185 -9.45 -11.86 -17.22
N PHE A 186 -8.29 -12.16 -17.78
CA PHE A 186 -7.62 -11.22 -18.70
C PHE A 186 -8.18 -11.49 -20.09
N THR A 187 -9.46 -11.16 -20.29
CA THR A 187 -10.13 -11.42 -21.58
C THR A 187 -10.43 -10.11 -22.30
N HIS A 188 -10.51 -10.17 -23.63
CA HIS A 188 -10.89 -8.96 -24.41
C HIS A 188 -9.85 -7.86 -24.22
N GLU A 189 -10.30 -6.70 -23.75
CA GLU A 189 -9.38 -5.54 -23.61
C GLU A 189 -8.27 -5.88 -22.64
N TYR A 190 -8.54 -6.77 -21.69
CA TYR A 190 -7.54 -7.09 -20.65
C TYR A 190 -6.53 -8.11 -21.18
N ALA A 191 -6.89 -8.83 -22.25
CA ALA A 191 -5.97 -9.80 -22.81
C ALA A 191 -4.75 -9.08 -23.38
N SER A 192 -5.03 -8.03 -24.17
CA SER A 192 -4.03 -7.12 -24.68
C SER A 192 -3.16 -6.58 -23.55
N MET A 193 -3.81 -5.99 -22.53
CA MET A 193 -3.15 -5.25 -21.46
C MET A 193 -2.27 -6.14 -20.56
N LYS A 194 -2.68 -7.39 -20.36
CA LYS A 194 -1.86 -8.35 -19.63
C LYS A 194 -0.48 -8.40 -20.26
N GLU A 195 -0.40 -8.44 -21.59
CA GLU A 195 0.92 -8.66 -22.25
C GLU A 195 1.75 -7.37 -22.34
N THR A 196 1.11 -6.21 -22.26
CA THR A 196 1.87 -4.94 -22.47
C THR A 196 2.28 -4.29 -21.15
N LYS A 197 1.53 -4.48 -20.07
CA LYS A 197 1.81 -3.75 -18.84
C LYS A 197 2.15 -4.69 -17.69
N GLY A 198 1.68 -5.95 -17.76
CA GLY A 198 1.88 -6.91 -16.69
C GLY A 198 0.56 -7.37 -16.10
N GLU A 199 0.64 -8.39 -15.23
CA GLU A 199 -0.55 -9.07 -14.73
C GLU A 199 -1.16 -8.24 -13.59
N ARG A 200 -0.34 -7.91 -12.59
CA ARG A 200 -0.79 -7.15 -11.44
C ARG A 200 -1.44 -5.85 -11.92
N ILE A 201 -0.73 -5.11 -12.78
CA ILE A 201 -1.18 -3.83 -13.26
C ILE A 201 -2.53 -3.99 -13.96
N ALA A 202 -2.61 -4.94 -14.88
CA ALA A 202 -3.81 -5.10 -15.71
C ALA A 202 -5.00 -5.51 -14.87
N LYS A 203 -4.76 -6.29 -13.80
CA LYS A 203 -5.84 -6.78 -12.93
C LYS A 203 -6.35 -5.66 -12.05
N THR A 204 -5.44 -4.80 -11.60
CA THR A 204 -5.80 -3.63 -10.81
C THR A 204 -6.78 -2.75 -11.59
N LEU A 205 -6.49 -2.52 -12.88
CA LEU A 205 -7.29 -1.65 -13.71
C LEU A 205 -8.67 -2.24 -13.99
N GLY A 206 -8.74 -3.56 -14.13
CA GLY A 206 -10.01 -4.23 -14.37
C GLY A 206 -10.89 -4.31 -13.12
N VAL A 207 -10.26 -4.49 -11.95
CA VAL A 207 -10.98 -4.80 -10.73
C VAL A 207 -11.37 -3.50 -10.01
N THR A 208 -10.43 -2.56 -9.87
CA THR A 208 -10.66 -1.36 -9.08
C THR A 208 -10.33 -0.06 -9.81
N GLY A 209 -9.67 -0.12 -10.97
CA GLY A 209 -9.19 1.11 -11.60
C GLY A 209 -10.07 1.56 -12.77
N PRO A 210 -9.48 2.29 -13.75
CA PRO A 210 -10.21 2.81 -14.91
C PRO A 210 -11.09 1.81 -15.67
N GLY A 211 -10.66 0.55 -15.73
CA GLY A 211 -11.46 -0.49 -16.37
C GLY A 211 -12.78 -0.72 -15.65
N PHE A 212 -12.70 -1.01 -14.35
CA PHE A 212 -13.85 -1.11 -13.49
C PHE A 212 -14.73 0.13 -13.66
N LEU A 213 -14.08 1.30 -13.60
CA LEU A 213 -14.77 2.58 -13.64
C LEU A 213 -15.52 2.75 -14.96
N PHE A 214 -14.83 2.44 -16.07
CA PHE A 214 -15.43 2.55 -17.39
C PHE A 214 -16.74 1.78 -17.44
N HIS A 215 -16.69 0.50 -17.07
CA HIS A 215 -17.87 -0.35 -17.06
C HIS A 215 -18.97 0.26 -16.20
N GLN A 216 -18.61 0.86 -15.06
CA GLN A 216 -19.61 1.46 -14.18
C GLN A 216 -20.24 2.68 -14.85
N LEU A 217 -19.41 3.57 -15.41
CA LEU A 217 -19.89 4.78 -16.07
C LEU A 217 -20.71 4.45 -17.32
N LYS A 218 -20.37 3.36 -18.01
CA LYS A 218 -21.20 2.83 -19.09
C LYS A 218 -22.55 2.38 -18.54
N LYS A 219 -22.50 1.54 -17.48
CA LYS A 219 -23.68 0.95 -16.88
C LYS A 219 -24.63 2.05 -16.40
N MET A 220 -24.04 3.17 -15.92
CA MET A 220 -24.80 4.26 -15.31
C MET A 220 -25.27 5.26 -16.38
N GLY A 221 -24.79 5.13 -17.62
CA GLY A 221 -25.22 5.99 -18.72
C GLY A 221 -24.44 7.29 -18.82
N ILE A 222 -23.45 7.48 -17.94
CA ILE A 222 -22.63 8.69 -17.92
C ILE A 222 -21.73 8.71 -19.15
N LEU A 223 -21.31 7.51 -19.57
CA LEU A 223 -20.65 7.30 -20.85
C LEU A 223 -21.67 6.68 -21.80
N ASN A 224 -21.59 7.04 -23.09
CA ASN A 224 -22.61 6.71 -24.06
C ASN A 224 -22.20 5.45 -24.83
N ASP A 225 -23.01 5.10 -25.84
CA ASP A 225 -22.82 3.89 -26.64
C ASP A 225 -21.43 3.83 -27.26
N LYS A 226 -20.89 5.01 -27.63
CA LYS A 226 -19.74 5.09 -28.51
C LYS A 226 -18.43 4.85 -27.77
N SER A 227 -18.35 5.30 -26.51
CA SER A 227 -17.07 5.28 -25.80
C SER A 227 -16.60 3.84 -25.63
N GLU A 228 -15.33 3.61 -25.95
CA GLU A 228 -14.69 2.33 -25.67
C GLU A 228 -13.71 2.54 -24.53
N MET A 229 -13.26 1.44 -23.92
CA MET A 229 -12.44 1.54 -22.72
C MET A 229 -11.12 2.24 -23.06
N GLU A 230 -10.65 2.09 -24.30
CA GLU A 230 -9.39 2.67 -24.73
C GLU A 230 -9.60 3.76 -25.76
N ALA A 231 -10.85 4.23 -25.89
CA ALA A 231 -11.20 5.38 -26.70
C ALA A 231 -12.49 5.99 -26.14
N ILE A 232 -12.35 6.86 -25.14
CA ILE A 232 -13.48 7.32 -24.36
C ILE A 232 -14.37 8.22 -25.22
N HIS A 233 -13.76 9.06 -26.07
CA HIS A 233 -14.50 9.98 -26.92
C HIS A 233 -15.26 10.95 -26.04
N TRP A 234 -14.49 11.76 -25.29
CA TRP A 234 -15.07 12.73 -24.37
C TRP A 234 -15.88 13.76 -25.15
N GLU A 235 -15.43 14.11 -26.36
CA GLU A 235 -16.09 15.12 -27.17
C GLU A 235 -17.53 14.71 -27.50
N LEU A 236 -17.86 13.42 -27.42
CA LEU A 236 -19.20 12.93 -27.70
C LEU A 236 -20.07 12.92 -26.45
N GLN A 237 -19.44 13.06 -25.28
CA GLN A 237 -20.14 12.83 -24.02
C GLN A 237 -20.70 14.14 -23.49
N ASP A 238 -21.54 14.03 -22.45
CA ASP A 238 -22.11 15.15 -21.74
C ASP A 238 -20.98 15.88 -20.99
N GLN A 239 -20.75 17.15 -21.37
CA GLN A 239 -19.57 17.90 -20.98
C GLN A 239 -19.70 18.43 -19.55
N ARG A 240 -20.90 18.32 -18.96
CA ARG A 240 -21.15 18.79 -17.61
C ARG A 240 -20.50 17.86 -16.57
N TYR A 241 -19.98 16.71 -17.03
CA TYR A 241 -19.28 15.77 -16.17
C TYR A 241 -17.78 16.03 -16.19
N LEU A 242 -17.33 17.04 -16.95
CA LEU A 242 -15.91 17.33 -17.10
C LEU A 242 -15.55 18.62 -16.37
N ILE A 243 -14.40 18.62 -15.70
CA ILE A 243 -13.92 19.84 -15.07
C ILE A 243 -13.79 20.91 -16.17
N ASP A 244 -14.18 22.15 -15.82
CA ASP A 244 -14.14 23.29 -16.73
C ASP A 244 -15.19 23.16 -17.84
N GLY A 245 -16.03 22.12 -17.81
CA GLY A 245 -17.13 21.98 -18.75
C GLY A 245 -16.73 21.71 -20.20
N SER A 246 -15.48 21.27 -20.44
CA SER A 246 -15.01 21.03 -21.80
C SER A 246 -13.87 20.00 -21.82
N VAL A 247 -13.42 19.66 -23.04
CA VAL A 247 -12.43 18.60 -23.26
C VAL A 247 -11.02 19.20 -23.39
N LYS A 248 -10.88 20.51 -23.15
CA LYS A 248 -9.57 21.14 -23.10
C LYS A 248 -8.81 20.59 -21.88
N GLU A 249 -7.48 20.60 -21.98
CA GLU A 249 -6.63 20.20 -20.87
C GLU A 249 -6.72 21.28 -19.80
N PRO A 250 -7.16 20.97 -18.56
CA PRO A 250 -7.25 21.98 -17.50
C PRO A 250 -5.87 22.54 -17.17
N ASP A 251 -5.84 23.81 -16.73
CA ASP A 251 -4.59 24.50 -16.48
C ASP A 251 -3.94 23.98 -15.19
N TYR A 252 -4.74 23.27 -14.37
CA TYR A 252 -4.43 23.05 -12.97
C TYR A 252 -3.33 22.01 -12.78
N PHE A 253 -3.16 21.12 -13.78
CA PHE A 253 -2.45 19.86 -13.59
C PHE A 253 -1.23 19.75 -14.50
N TYR A 254 -0.26 18.93 -14.08
CA TYR A 254 1.00 18.74 -14.78
C TYR A 254 1.67 17.45 -14.28
N VAL A 255 2.29 16.71 -15.21
CA VAL A 255 3.09 15.53 -14.86
C VAL A 255 4.22 15.39 -15.89
N PRO A 256 5.50 15.32 -15.46
CA PRO A 256 6.64 15.20 -16.36
C PRO A 256 6.45 14.17 -17.50
N ALA A 263 3.98 3.19 -10.53
CA ALA A 263 5.40 2.80 -10.36
C ALA A 263 5.64 2.26 -8.94
N SER A 264 5.11 2.95 -7.94
CA SER A 264 5.35 2.67 -6.53
C SER A 264 4.57 1.44 -6.07
N TRP A 265 3.31 1.35 -6.49
CA TRP A 265 2.36 0.38 -5.97
C TRP A 265 2.39 -0.94 -6.74
N VAL A 266 3.15 -0.98 -7.85
CA VAL A 266 3.05 -2.07 -8.82
C VAL A 266 3.94 -3.24 -8.37
N PRO A 267 5.18 -3.01 -7.86
CA PRO A 267 5.98 -4.11 -7.29
C PRO A 267 5.43 -4.44 -5.91
N SER A 268 5.34 -5.74 -5.58
CA SER A 268 4.78 -6.14 -4.29
C SER A 268 5.88 -6.14 -3.24
N ILE A 269 5.78 -5.19 -2.31
CA ILE A 269 6.71 -5.00 -1.21
C ILE A 269 5.97 -5.38 0.08
N LYS A 270 6.65 -6.04 1.02
CA LYS A 270 6.06 -6.30 2.33
C LYS A 270 5.68 -4.98 3.00
N ARG A 271 4.47 -4.94 3.59
CA ARG A 271 4.10 -3.79 4.41
C ARG A 271 5.03 -3.73 5.63
N PRO A 272 5.07 -2.58 6.34
CA PRO A 272 6.06 -2.37 7.41
C PRO A 272 6.03 -3.38 8.55
N GLY A 273 7.21 -3.74 9.04
CA GLY A 273 7.36 -4.50 10.27
C GLY A 273 7.03 -5.99 10.14
N ILE A 274 6.83 -6.49 8.91
CA ILE A 274 6.53 -7.89 8.75
C ILE A 274 7.70 -8.75 9.23
N GLU A 275 8.92 -8.30 8.89
CA GLU A 275 10.16 -8.92 9.34
C GLU A 275 10.29 -8.97 10.87
N ASN A 276 9.51 -8.15 11.59
CA ASN A 276 9.60 -8.05 13.04
C ASN A 276 8.39 -8.69 13.75
N MET A 277 7.52 -9.37 13.01
CA MET A 277 6.44 -10.14 13.60
C MET A 277 6.96 -11.54 13.87
N SER A 278 6.37 -12.24 14.84
CA SER A 278 6.73 -13.63 15.06
C SER A 278 5.98 -14.49 14.04
N PHE A 279 6.51 -15.70 13.81
CA PHE A 279 5.90 -16.72 12.97
C PHE A 279 4.45 -16.92 13.39
N GLN A 280 4.21 -17.08 14.69
CA GLN A 280 2.87 -17.34 15.20
C GLN A 280 1.93 -16.16 14.94
N GLU A 281 2.41 -14.93 15.09
CA GLU A 281 1.56 -13.78 14.83
C GLU A 281 1.17 -13.70 13.36
N ARG A 282 2.12 -14.05 12.46
CA ARG A 282 1.88 -14.05 11.03
C ARG A 282 0.87 -15.14 10.64
N LEU A 283 1.05 -16.35 11.17
CA LEU A 283 0.06 -17.41 11.04
C LEU A 283 -1.33 -16.91 11.46
N GLU A 284 -1.38 -16.23 12.62
CA GLU A 284 -2.65 -15.76 13.15
C GLU A 284 -3.29 -14.77 12.18
N ASN A 285 -2.49 -13.85 11.61
CA ASN A 285 -3.00 -12.88 10.65
C ASN A 285 -3.54 -13.60 9.41
N ALA A 286 -2.79 -14.59 8.90
CA ALA A 286 -3.21 -15.36 7.73
C ALA A 286 -4.54 -16.07 8.00
N VAL A 287 -4.71 -16.62 9.21
CA VAL A 287 -5.91 -17.40 9.53
C VAL A 287 -7.12 -16.49 9.49
N GLN A 288 -6.96 -15.25 9.98
CA GLN A 288 -8.07 -14.32 10.00
C GLN A 288 -8.44 -13.94 8.56
N LEU A 289 -7.44 -13.69 7.72
CA LEU A 289 -7.69 -13.24 6.35
C LEU A 289 -8.37 -14.34 5.53
N ILE A 290 -7.88 -15.58 5.68
CA ILE A 290 -8.44 -16.73 4.99
C ILE A 290 -9.91 -16.89 5.37
N ALA A 291 -10.22 -16.73 6.66
CA ALA A 291 -11.57 -16.84 7.17
C ALA A 291 -12.47 -15.84 6.45
N PHE A 292 -12.00 -14.60 6.34
CA PHE A 292 -12.70 -13.60 5.54
C PHE A 292 -12.95 -14.16 4.12
N ASP A 293 -11.88 -14.64 3.45
CA ASP A 293 -11.99 -15.14 2.09
C ASP A 293 -13.03 -16.25 1.99
N ILE A 294 -12.98 -17.20 2.93
CA ILE A 294 -13.87 -18.36 2.88
C ILE A 294 -15.30 -17.89 3.06
N GLN A 295 -15.51 -16.92 3.97
CA GLN A 295 -16.85 -16.52 4.36
C GLN A 295 -17.47 -15.66 3.27
N LYS A 296 -16.63 -14.94 2.51
CA LYS A 296 -17.13 -14.04 1.48
C LYS A 296 -17.17 -14.72 0.11
N THR A 297 -16.31 -15.73 -0.13
CA THR A 297 -16.15 -16.26 -1.48
C THR A 297 -16.18 -17.78 -1.53
N GLY A 298 -15.93 -18.46 -0.40
CA GLY A 298 -15.84 -19.91 -0.40
C GLY A 298 -14.49 -20.42 -0.91
N LEU A 299 -13.55 -19.49 -1.19
CA LEU A 299 -12.26 -19.82 -1.76
C LEU A 299 -11.16 -19.78 -0.71
N PHE A 300 -10.35 -20.84 -0.66
CA PHE A 300 -9.24 -20.98 0.26
C PHE A 300 -7.94 -20.92 -0.54
N ASN A 301 -7.40 -19.71 -0.75
CA ASN A 301 -6.17 -19.55 -1.52
C ASN A 301 -4.99 -19.82 -0.60
N LEU A 302 -4.73 -21.10 -0.38
CA LEU A 302 -3.74 -21.59 0.57
C LEU A 302 -2.33 -21.14 0.15
N ASP A 303 -1.98 -21.25 -1.13
CA ASP A 303 -0.61 -20.99 -1.59
C ASP A 303 -0.28 -19.50 -1.59
N HIS A 304 -1.26 -18.64 -1.86
CA HIS A 304 -1.09 -17.20 -1.71
C HIS A 304 -0.51 -16.90 -0.33
N TYR A 305 -1.14 -17.46 0.72
CA TYR A 305 -0.72 -17.20 2.09
C TYR A 305 0.61 -17.91 2.35
N ALA A 306 0.72 -19.16 1.91
CA ALA A 306 1.91 -19.93 2.22
C ALA A 306 3.13 -19.23 1.62
N ASN A 307 2.98 -18.64 0.43
CA ASN A 307 4.12 -18.04 -0.26
C ASN A 307 4.44 -16.64 0.24
N GLU A 308 3.50 -15.98 0.94
CA GLU A 308 3.82 -14.74 1.62
C GLU A 308 4.62 -15.07 2.87
N LEU A 309 4.16 -16.09 3.59
CA LEU A 309 4.60 -16.34 4.96
C LEU A 309 5.96 -17.03 4.99
N LYS A 310 6.42 -17.55 3.85
CA LYS A 310 7.72 -18.22 3.79
C LYS A 310 8.86 -17.20 3.77
N VAL A 311 8.55 -15.94 3.43
CA VAL A 311 9.57 -14.90 3.30
C VAL A 311 9.90 -14.33 4.68
N LYS A 312 11.18 -14.44 5.04
CA LYS A 312 11.70 -13.89 6.28
C LYS A 312 12.95 -13.05 6.01
N GLN A 313 12.76 -11.74 5.94
CA GLN A 313 13.83 -10.77 5.91
C GLN A 313 14.28 -10.47 7.35
N ASN A 314 15.35 -9.68 7.49
CA ASN A 314 16.02 -9.44 8.76
C ASN A 314 15.08 -8.74 9.75
N SER A 315 15.04 -9.29 10.97
CA SER A 315 14.48 -8.59 12.12
C SER A 315 15.45 -7.48 12.55
N TRP A 316 14.89 -6.37 13.02
CA TRP A 316 15.71 -5.21 13.33
C TRP A 316 14.93 -4.28 14.26
N CYS A 317 15.69 -3.52 15.03
CA CYS A 317 15.13 -2.50 15.89
C CYS A 317 16.12 -1.34 15.98
N ILE A 318 15.61 -0.10 15.95
CA ILE A 318 16.43 1.07 16.21
C ILE A 318 16.07 1.60 17.60
N ALA A 319 17.01 1.46 18.54
CA ALA A 319 16.78 1.73 19.95
C ALA A 319 16.24 3.15 20.13
N ALA A 320 15.02 3.23 20.66
CA ALA A 320 14.34 4.48 20.97
C ALA A 320 14.43 4.73 22.48
N GLU A 321 13.81 5.82 22.92
CA GLU A 321 13.85 6.18 24.36
C GLU A 321 13.45 4.95 25.18
N THR A 322 12.29 4.37 24.85
CA THR A 322 11.82 3.15 25.57
C THR A 322 12.81 2.01 25.32
N SER A 323 12.79 1.00 26.18
CA SER A 323 13.69 -0.17 25.99
C SER A 323 13.13 -1.07 24.90
N PRO A 324 13.99 -1.67 24.06
CA PRO A 324 13.57 -2.54 22.96
C PRO A 324 13.19 -3.96 23.37
N GLU A 325 12.05 -4.43 22.88
CA GLU A 325 11.79 -5.87 22.82
C GLU A 325 12.82 -6.48 21.87
N LEU A 326 13.53 -7.51 22.34
CA LEU A 326 14.67 -8.04 21.62
C LEU A 326 14.33 -9.39 21.01
N LYS A 327 14.24 -9.42 19.68
CA LYS A 327 14.13 -10.67 18.97
C LYS A 327 15.50 -11.32 18.89
N PRO A 328 15.62 -12.63 19.25
CA PRO A 328 16.75 -13.45 18.80
C PRO A 328 16.93 -13.32 17.28
N ASP A 329 18.19 -13.33 16.84
CA ASP A 329 18.52 -13.25 15.43
C ASP A 329 17.98 -11.94 14.86
N SER A 330 18.51 -10.80 15.33
CA SER A 330 18.09 -9.51 14.81
C SER A 330 19.23 -8.51 14.84
N TYR A 331 19.01 -7.34 14.23
CA TYR A 331 19.90 -6.21 14.39
C TYR A 331 19.30 -5.23 15.39
N LEU A 332 20.16 -4.74 16.28
CA LEU A 332 19.81 -3.62 17.12
C LEU A 332 20.79 -2.49 16.86
N LEU A 333 20.25 -1.31 16.57
CA LEU A 333 21.03 -0.11 16.36
C LEU A 333 20.76 0.89 17.48
N ILE A 334 21.84 1.31 18.15
CA ILE A 334 21.80 2.31 19.19
C ILE A 334 22.28 3.64 18.60
N ARG A 335 21.39 4.64 18.56
CA ARG A 335 21.77 5.97 18.11
C ARG A 335 22.69 6.62 19.14
N PRO A 336 23.40 7.73 18.78
CA PRO A 336 24.33 8.38 19.70
C PRO A 336 23.68 9.22 20.79
N ARG A 337 24.46 9.52 21.83
CA ARG A 337 23.96 10.35 22.95
C ARG A 337 23.94 11.81 22.52
N ASP A 338 25.06 12.33 22.04
CA ASP A 338 25.11 13.69 21.52
C ASP A 338 25.37 13.60 20.02
N LYS A 339 25.22 14.70 19.30
CA LYS A 339 25.34 14.65 17.82
C LYS A 339 26.69 14.06 17.43
N THR A 340 27.77 14.43 18.13
CA THR A 340 29.09 13.98 17.73
C THR A 340 29.47 12.70 18.49
N GLY A 341 28.50 12.03 19.13
CA GLY A 341 28.67 10.68 19.65
C GLY A 341 28.77 9.68 18.51
N GLU A 342 28.57 8.38 18.80
CA GLU A 342 28.65 7.37 17.77
C GLU A 342 27.41 6.47 17.75
N TRP A 343 27.05 6.04 16.53
CA TRP A 343 26.11 4.95 16.35
C TRP A 343 26.75 3.66 16.81
N THR A 344 25.93 2.72 17.28
CA THR A 344 26.39 1.37 17.54
C THR A 344 25.36 0.38 16.97
N LEU A 345 25.88 -0.68 16.36
CA LEU A 345 25.07 -1.75 15.81
C LEU A 345 25.46 -3.06 16.50
N TYR A 346 24.47 -3.93 16.73
CA TYR A 346 24.67 -5.23 17.31
C TYR A 346 23.91 -6.28 16.49
N TYR A 347 24.53 -7.44 16.31
CA TYR A 347 23.82 -8.65 15.96
C TYR A 347 23.40 -9.36 17.24
N VAL A 348 22.08 -9.43 17.48
CA VAL A 348 21.51 -10.17 18.59
C VAL A 348 21.34 -11.61 18.15
N ASP A 349 22.01 -12.56 18.83
CA ASP A 349 22.02 -13.95 18.41
C ASP A 349 20.99 -14.75 19.23
N GLU A 350 21.21 -14.88 20.55
CA GLU A 350 20.27 -15.54 21.45
C GLU A 350 20.01 -14.61 22.63
N ASP A 351 19.73 -13.36 22.28
CA ASP A 351 19.64 -12.23 23.20
C ASP A 351 21.04 -11.86 23.72
N LYS A 352 22.08 -12.56 23.27
CA LYS A 352 23.45 -12.07 23.37
C LYS A 352 23.69 -11.04 22.26
N LYS A 353 24.37 -9.95 22.59
CA LYS A 353 24.58 -8.86 21.66
C LYS A 353 26.03 -8.82 21.23
N LEU A 354 26.25 -9.15 19.96
CA LEU A 354 27.61 -9.15 19.39
C LEU A 354 27.77 -7.85 18.59
N ASN A 355 28.81 -7.09 18.88
CA ASN A 355 28.96 -5.76 18.24
C ASN A 355 29.66 -5.84 16.90
N PRO A 356 28.98 -5.58 15.76
CA PRO A 356 29.63 -5.52 14.46
C PRO A 356 30.47 -4.25 14.30
N VAL A 357 31.71 -4.40 13.81
CA VAL A 357 32.58 -3.25 13.64
C VAL A 357 32.12 -2.50 12.39
N THR A 358 31.53 -1.33 12.65
CA THR A 358 31.30 -0.30 11.66
C THR A 358 32.64 0.17 11.11
N LEU A 359 32.83 0.05 9.80
CA LEU A 359 34.11 0.43 9.18
C LEU A 359 34.26 1.95 9.18
N PRO A 360 35.46 2.52 9.43
CA PRO A 360 35.67 3.96 9.37
C PRO A 360 35.42 4.43 7.93
N VAL A 361 34.65 5.49 7.76
CA VAL A 361 34.29 5.95 6.39
C VAL A 361 35.01 7.26 6.11
N ILE A 362 35.49 7.92 7.15
CA ILE A 362 36.10 9.27 6.96
C ILE A 362 37.58 9.16 6.61
N LYS A 363 38.34 8.38 7.38
CA LYS A 363 39.81 8.32 7.15
C LYS A 363 40.08 7.78 5.75
N GLY A 364 39.03 7.37 5.04
CA GLY A 364 39.27 6.76 3.72
C GLY A 364 40.29 5.66 3.88
N ALA A 365 41.43 5.78 3.19
CA ALA A 365 42.48 4.77 3.37
C ALA A 365 41.81 3.40 3.43
N ILE A 366 41.04 3.06 2.41
CA ILE A 366 40.38 1.73 2.36
C ILE A 366 41.12 0.87 1.33
N LYS A 367 40.99 -0.45 1.45
CA LYS A 367 41.58 -1.33 0.41
C LYS A 367 40.45 -1.67 -0.55
N LEU A 368 40.78 -2.16 -1.74
CA LEU A 368 39.77 -2.39 -2.76
C LEU A 368 38.70 -3.38 -2.29
N SER A 369 39.10 -4.34 -1.44
CA SER A 369 38.16 -5.27 -0.82
C SER A 369 36.95 -4.53 -0.24
N GLU A 370 37.22 -3.47 0.51
CA GLU A 370 36.24 -2.84 1.40
C GLU A 370 35.33 -1.85 0.66
N VAL A 371 35.42 -1.81 -0.68
CA VAL A 371 34.65 -0.89 -1.48
C VAL A 371 33.22 -1.43 -1.60
N SER A 372 33.09 -2.75 -1.67
CA SER A 372 31.80 -3.38 -1.85
C SER A 372 31.14 -3.66 -0.49
N ASP A 373 31.84 -3.34 0.62
CA ASP A 373 31.44 -3.83 1.94
C ASP A 373 30.13 -3.17 2.36
N PRO A 374 29.08 -3.98 2.64
CA PRO A 374 27.81 -3.48 3.18
C PRO A 374 27.92 -2.62 4.43
N LEU A 375 28.75 -3.06 5.39
CA LEU A 375 28.86 -2.36 6.67
C LEU A 375 29.41 -0.96 6.45
N ARG A 376 30.38 -0.81 5.54
CA ARG A 376 30.93 0.50 5.25
C ARG A 376 29.83 1.38 4.66
N LYS A 377 29.13 0.85 3.64
CA LYS A 377 28.04 1.56 2.98
C LYS A 377 26.94 1.92 3.99
N PHE A 378 26.71 1.01 4.95
CA PHE A 378 25.73 1.22 6.00
C PHE A 378 26.17 2.35 6.92
N HIS A 379 27.45 2.35 7.31
CA HIS A 379 27.99 3.42 8.15
C HIS A 379 27.88 4.77 7.44
N THR A 380 28.24 4.80 6.15
CA THR A 380 28.10 6.01 5.36
C THR A 380 26.68 6.57 5.50
N LEU A 381 25.67 5.70 5.38
CA LEU A 381 24.28 6.13 5.47
C LEU A 381 23.98 6.78 6.83
N LEU A 382 24.58 6.23 7.90
CA LEU A 382 24.38 6.74 9.25
C LEU A 382 25.05 8.11 9.42
N SER A 383 26.21 8.28 8.77
CA SER A 383 26.95 9.53 8.85
C SER A 383 26.17 10.68 8.19
N GLN A 384 25.22 10.37 7.31
CA GLN A 384 24.49 11.38 6.55
C GLN A 384 23.20 11.80 7.28
N VAL A 385 23.00 11.32 8.50
CA VAL A 385 21.89 11.76 9.31
C VAL A 385 22.18 13.16 9.84
N SER A 386 21.28 14.10 9.54
CA SER A 386 21.38 15.48 9.98
C SER A 386 21.62 15.53 11.49
N ASP A 387 20.65 15.07 12.27
CA ASP A 387 20.74 15.07 13.72
C ASP A 387 20.69 13.62 14.21
N PRO A 388 21.85 12.99 14.51
CA PRO A 388 21.87 11.59 14.94
C PRO A 388 21.11 11.27 16.23
N VAL A 389 20.82 12.29 17.03
CA VAL A 389 20.08 12.09 18.26
C VAL A 389 18.58 12.14 17.96
N ASN A 390 18.17 12.95 16.96
CA ASN A 390 16.78 13.07 16.56
C ASN A 390 16.67 12.97 15.04
N PRO A 391 16.66 11.75 14.47
CA PRO A 391 16.54 11.57 13.01
C PRO A 391 15.11 11.78 12.52
N THR A 392 14.98 12.16 11.23
CA THR A 392 13.69 12.38 10.61
C THR A 392 13.04 11.04 10.30
N ALA A 393 11.75 11.10 9.96
CA ALA A 393 11.00 9.92 9.57
C ALA A 393 11.68 9.23 8.39
N HIS A 394 12.14 10.04 7.42
CA HIS A 394 12.74 9.51 6.19
C HIS A 394 14.11 8.91 6.48
N GLU A 395 14.83 9.52 7.41
CA GLU A 395 16.11 8.97 7.83
C GLU A 395 15.86 7.63 8.51
N LEU A 396 14.85 7.58 9.39
CA LEU A 396 14.51 6.36 10.11
C LEU A 396 14.06 5.29 9.11
N LYS A 397 13.25 5.71 8.13
CA LYS A 397 12.75 4.85 7.09
C LYS A 397 13.90 4.22 6.30
N GLN A 398 14.88 5.04 5.91
CA GLN A 398 15.98 4.57 5.09
C GLN A 398 16.85 3.58 5.86
N ILE A 399 17.11 3.89 7.14
CA ILE A 399 17.93 3.04 7.98
C ILE A 399 17.24 1.71 8.19
N GLY A 400 15.95 1.76 8.55
CA GLY A 400 15.11 0.59 8.57
C GLY A 400 15.29 -0.29 7.34
N ARG A 401 15.14 0.33 6.16
CA ARG A 401 15.20 -0.36 4.88
C ARG A 401 16.57 -1.03 4.71
N ALA A 402 17.63 -0.33 5.10
CA ALA A 402 18.97 -0.89 5.02
C ALA A 402 19.10 -2.11 5.93
N LEU A 403 18.53 -2.00 7.14
CA LEU A 403 18.63 -3.07 8.14
C LEU A 403 17.93 -4.34 7.66
N ILE A 404 16.80 -4.16 6.95
CA ILE A 404 15.97 -5.26 6.48
C ILE A 404 16.78 -6.15 5.52
N GLU A 405 17.69 -5.55 4.76
CA GLU A 405 18.40 -6.26 3.70
C GLU A 405 19.90 -6.36 4.01
N LEU A 406 20.34 -5.88 5.18
CA LEU A 406 21.75 -5.84 5.50
C LEU A 406 22.29 -7.27 5.64
N LYS A 407 23.39 -7.54 4.94
CA LYS A 407 24.02 -8.84 4.86
C LYS A 407 25.53 -8.65 4.87
N PRO A 408 26.19 -8.66 6.05
CA PRO A 408 27.64 -8.52 6.12
C PRO A 408 28.37 -9.69 5.47
N ARG A 409 29.60 -9.43 5.02
CA ARG A 409 30.49 -10.48 4.54
C ARG A 409 30.89 -11.36 5.72
N GLN A 410 30.89 -10.77 6.92
CA GLN A 410 31.24 -11.48 8.14
C GLN A 410 30.06 -12.36 8.51
N ASP A 411 30.22 -13.67 8.30
CA ASP A 411 29.17 -14.66 8.49
C ASP A 411 28.66 -14.63 9.94
N GLU A 412 29.54 -14.24 10.87
CA GLU A 412 29.24 -14.19 12.30
C GLU A 412 28.22 -13.10 12.63
N TRP A 413 28.08 -12.11 11.75
CA TRP A 413 27.16 -11.00 11.94
C TRP A 413 25.99 -11.08 10.96
N HIS A 414 25.84 -12.23 10.30
CA HIS A 414 24.74 -12.45 9.38
C HIS A 414 23.53 -12.87 10.19
N CYS A 415 22.35 -12.29 9.88
CA CYS A 415 21.09 -12.82 10.40
C CYS A 415 20.85 -14.18 9.76
N LYS A 416 20.40 -15.14 10.58
CA LYS A 416 20.24 -16.52 10.15
C LYS A 416 18.92 -16.68 9.40
N ASN A 417 17.83 -16.23 10.02
CA ASN A 417 16.49 -16.22 9.44
C ASN A 417 16.03 -17.66 9.20
N LYS A 418 16.19 -18.52 10.20
CA LYS A 418 15.64 -19.87 10.13
C LYS A 418 14.11 -19.77 10.12
N TRP A 419 13.48 -20.36 9.10
CA TRP A 419 12.05 -20.18 8.85
C TRP A 419 11.49 -21.42 8.15
N SER A 420 10.24 -21.77 8.48
CA SER A 420 9.57 -22.87 7.82
C SER A 420 9.47 -22.59 6.33
N GLY A 421 9.55 -23.66 5.53
CA GLY A 421 9.28 -23.57 4.10
C GLY A 421 7.79 -23.45 3.82
N ALA A 422 7.46 -23.14 2.58
CA ALA A 422 6.11 -22.87 2.15
C ALA A 422 5.18 -24.06 2.43
N GLU A 423 5.63 -25.28 2.12
CA GLU A 423 4.74 -26.44 2.21
C GLU A 423 4.40 -26.73 3.68
N GLU A 424 5.37 -26.57 4.59
CA GLU A 424 5.10 -26.76 6.01
C GLU A 424 4.06 -25.75 6.49
N ILE A 425 4.21 -24.49 6.05
CA ILE A 425 3.31 -23.41 6.43
C ILE A 425 1.90 -23.75 5.95
N ALA A 426 1.81 -24.17 4.67
CA ALA A 426 0.54 -24.59 4.08
C ALA A 426 -0.11 -25.67 4.92
N GLN A 427 0.67 -26.66 5.36
CA GLN A 427 0.15 -27.73 6.20
C GLN A 427 -0.43 -27.16 7.49
N GLU A 428 0.27 -26.20 8.11
CA GLU A 428 -0.21 -25.61 9.36
C GLU A 428 -1.51 -24.83 9.11
N LEU A 429 -1.56 -24.05 8.03
CA LEU A 429 -2.76 -23.26 7.74
C LEU A 429 -3.96 -24.16 7.47
N TRP A 430 -3.71 -25.30 6.81
CA TRP A 430 -4.76 -26.27 6.50
C TRP A 430 -5.35 -26.87 7.78
N GLN A 431 -4.47 -27.29 8.69
CA GLN A 431 -4.86 -27.87 9.97
C GLN A 431 -5.78 -26.90 10.74
N ARG A 432 -5.33 -25.65 10.86
CA ARG A 432 -6.07 -24.65 11.63
C ARG A 432 -7.41 -24.30 11.01
N ILE A 433 -7.45 -24.12 9.69
CA ILE A 433 -8.70 -23.68 9.07
C ILE A 433 -9.70 -24.83 9.03
N THR A 434 -9.26 -26.04 8.68
CA THR A 434 -10.23 -27.12 8.48
C THR A 434 -10.68 -27.71 9.83
N SER A 435 -9.96 -27.40 10.92
CA SER A 435 -10.38 -27.84 12.25
C SER A 435 -11.55 -27.00 12.76
N ASN A 436 -11.79 -25.83 12.17
CA ASN A 436 -12.98 -25.04 12.44
C ASN A 436 -14.13 -25.56 11.58
N GLU A 437 -15.16 -26.12 12.22
CA GLU A 437 -16.21 -26.86 11.53
C GLU A 437 -17.04 -25.91 10.66
N THR A 438 -17.16 -24.65 11.08
CA THR A 438 -17.93 -23.66 10.36
C THR A 438 -17.26 -23.31 9.03
N LEU A 439 -15.95 -23.04 9.10
CA LEU A 439 -15.17 -22.70 7.92
C LEU A 439 -15.07 -23.91 7.00
N ARG A 440 -14.70 -25.06 7.57
CA ARG A 440 -14.55 -26.31 6.84
C ARG A 440 -15.76 -26.58 5.93
N ALA A 441 -16.96 -26.27 6.42
CA ALA A 441 -18.18 -26.57 5.70
C ALA A 441 -18.51 -25.50 4.66
N GLN A 442 -17.80 -24.36 4.67
CA GLN A 442 -18.09 -23.28 3.74
C GLN A 442 -17.11 -23.26 2.56
N ILE A 443 -16.03 -24.03 2.65
CA ILE A 443 -15.02 -24.09 1.60
C ILE A 443 -15.63 -24.76 0.38
N LYS A 444 -15.58 -24.04 -0.75
CA LYS A 444 -15.99 -24.55 -2.05
C LYS A 444 -14.78 -24.97 -2.89
N GLN A 445 -13.66 -24.26 -2.78
CA GLN A 445 -12.53 -24.51 -3.66
C GLN A 445 -11.23 -24.07 -3.01
N CYS A 446 -10.24 -24.98 -2.99
CA CYS A 446 -8.95 -24.70 -2.39
C CYS A 446 -7.89 -24.67 -3.48
N PHE A 447 -7.04 -23.64 -3.47
CA PHE A 447 -5.93 -23.55 -4.40
C PHE A 447 -4.62 -23.86 -3.69
N THR A 448 -4.03 -25.00 -4.07
CA THR A 448 -2.70 -25.37 -3.63
C THR A 448 -2.05 -26.29 -4.66
N GLN A 449 -0.75 -26.10 -4.87
CA GLN A 449 0.04 -26.92 -5.77
C GLN A 449 0.86 -27.94 -4.98
N PHE A 450 0.69 -27.99 -3.65
CA PHE A 450 1.56 -28.78 -2.79
C PHE A 450 1.07 -30.22 -2.76
N GLU A 451 1.98 -31.15 -3.09
CA GLU A 451 1.66 -32.56 -3.27
C GLU A 451 1.14 -33.18 -1.98
N SER A 452 1.66 -32.74 -0.83
CA SER A 452 1.27 -33.34 0.44
C SER A 452 -0.13 -32.89 0.84
N LEU A 453 -0.61 -31.80 0.22
CA LEU A 453 -1.93 -31.20 0.61
C LEU A 453 -3.04 -31.50 -0.43
N LYS A 454 -2.74 -31.99 -1.66
CA LYS A 454 -3.74 -32.29 -2.67
C LYS A 454 -4.66 -33.40 -2.20
N PRO A 455 -4.16 -34.48 -1.57
CA PRO A 455 -5.04 -35.52 -1.03
C PRO A 455 -5.91 -35.10 0.14
N ARG A 456 -5.51 -34.07 0.90
CA ARG A 456 -6.34 -33.56 1.98
C ARG A 456 -7.47 -32.73 1.36
N VAL A 457 -7.16 -32.00 0.29
CA VAL A 457 -8.16 -31.25 -0.44
C VAL A 457 -9.13 -32.22 -1.11
N ALA A 458 -8.62 -33.34 -1.64
CA ALA A 458 -9.48 -34.36 -2.21
C ALA A 458 -10.41 -34.95 -1.15
N GLU A 459 -9.88 -35.24 0.05
CA GLU A 459 -10.62 -35.88 1.12
C GLU A 459 -11.81 -35.02 1.53
N LEU A 460 -11.58 -33.71 1.65
CA LEU A 460 -12.64 -32.77 1.99
C LEU A 460 -13.68 -32.69 0.87
N GLY A 461 -13.24 -32.83 -0.38
CA GLY A 461 -14.13 -32.82 -1.53
C GLY A 461 -15.08 -34.03 -1.50
N LEU A 462 -14.53 -35.20 -1.14
CA LEU A 462 -15.31 -36.42 -0.95
C LEU A 462 -16.27 -36.26 0.21
N GLU A 463 -15.80 -35.64 1.30
CA GLU A 463 -16.63 -35.40 2.47
C GLU A 463 -17.85 -34.55 2.07
N HIS A 464 -17.60 -33.42 1.39
CA HIS A 464 -18.68 -32.57 0.93
C HIS A 464 -19.59 -33.31 -0.05
N HIS A 465 -19.00 -34.19 -0.87
CA HIS A 465 -19.76 -34.89 -1.90
C HIS A 465 -20.78 -35.84 -1.27
N HIS A 466 -20.51 -36.35 -0.06
CA HIS A 466 -21.42 -37.24 0.62
C HIS A 466 -22.24 -36.51 1.66
N HIS A 467 -22.86 -35.38 1.30
CA HIS A 467 -23.76 -34.64 2.18
C HIS A 467 -24.69 -33.74 1.35
#